data_7R4J
#
_entry.id   7R4J
#
_cell.length_a   68.472
_cell.length_b   68.472
_cell.length_c   221.615
_cell.angle_alpha   90.000
_cell.angle_beta   90.000
_cell.angle_gamma   90.000
#
_symmetry.space_group_name_H-M   'P 43 21 2'
#
loop_
_entity.id
_entity.type
_entity.pdbx_description
1 polymer 'NAD kinase 2, mitochondrial'
2 non-polymer 'CALCIUM ION'
3 water water
#
_entity_poly.entity_id   1
_entity_poly.type   'polypeptide(L)'
_entity_poly.pdbx_seq_one_letter_code
;MGHHHHHHGRADGGFRPSRVVVVAKTTRYEFEQQRYRYAELSEEDLKQLLALKGSSYSGLLERHHIHTKNVEHIIDSLRN
EGIEVRLVKRREYDEETVRWADAVIAAGGDGTMLLAASKVLDRLKPVIGVNTDPERSEGHLCLPVRYTHSFPEALQKFYR
GEFRWLWRQRIRLYLEGTGINPVPVDLHEQQLSLNQHNRALNIERAHDERSEASGPQLLPVRALNEVFIGESLSSRASYY
EISVDDGPWEKQKSSGLNLCTGTGSKAWSFNINRVATQAVEDVLNIAKRQGNLSLPLNRELVEKVTNEYNESLLYSPEEP
KILFSIREPIANRVFSSSRQRCFSSKVCVRSRCWDACMVVDGGTSFEFNDGAIASMMINKEDELRTVLLEQ
;
_entity_poly.pdbx_strand_id   A
#
# COMPACT_ATOMS: atom_id res chain seq x y z
N GLY A 13 4.59 -8.74 -27.37
CA GLY A 13 4.92 -9.71 -26.33
C GLY A 13 6.42 -9.97 -26.18
N GLY A 14 6.92 -9.86 -24.94
CA GLY A 14 8.33 -10.06 -24.65
C GLY A 14 8.93 -8.86 -23.91
N PHE A 15 9.90 -9.16 -23.01
CA PHE A 15 10.51 -8.09 -22.22
C PHE A 15 11.78 -8.53 -21.50
N ARG A 16 12.94 -8.03 -21.94
CA ARG A 16 14.17 -8.24 -21.22
C ARG A 16 14.72 -6.88 -20.78
N PRO A 17 14.99 -6.68 -19.50
CA PRO A 17 15.58 -5.42 -19.05
C PRO A 17 17.09 -5.41 -19.20
N SER A 18 17.61 -4.25 -19.61
CA SER A 18 19.04 -4.07 -19.85
C SER A 18 19.79 -3.60 -18.59
N ARG A 19 19.18 -2.70 -17.81
CA ARG A 19 19.67 -2.29 -16.49
C ARG A 19 18.52 -2.34 -15.50
N VAL A 20 18.80 -2.75 -14.25
CA VAL A 20 17.79 -2.71 -13.19
C VAL A 20 18.40 -2.22 -11.87
N VAL A 21 17.56 -1.53 -11.09
CA VAL A 21 17.81 -1.22 -9.69
C VAL A 21 17.13 -2.28 -8.85
N VAL A 22 17.88 -2.91 -7.96
CA VAL A 22 17.31 -3.71 -6.89
C VAL A 22 17.39 -2.90 -5.60
N VAL A 23 16.22 -2.53 -5.08
CA VAL A 23 16.09 -1.82 -3.80
C VAL A 23 15.65 -2.83 -2.75
N ALA A 24 16.40 -2.93 -1.66
CA ALA A 24 16.25 -4.02 -0.70
C ALA A 24 15.70 -3.54 0.64
N LYS A 25 14.75 -4.30 1.17
CA LYS A 25 14.33 -4.04 2.53
C LYS A 25 15.55 -4.06 3.43
N THR A 26 15.52 -3.18 4.44
CA THR A 26 16.51 -3.19 5.51
C THR A 26 15.96 -4.06 6.62
N THR A 27 16.60 -5.20 6.83
CA THR A 27 16.13 -6.19 7.78
C THR A 27 16.19 -5.65 9.21
N ARG A 28 15.57 -6.38 10.14
CA ARG A 28 15.52 -5.96 11.53
C ARG A 28 16.86 -6.12 12.25
N TYR A 29 17.77 -6.96 11.74
CA TYR A 29 19.15 -6.99 12.23
C TYR A 29 19.93 -5.80 11.71
N GLU A 30 19.76 -5.45 10.43
CA GLU A 30 20.38 -4.25 9.88
C GLU A 30 19.97 -3.02 10.69
N PHE A 31 18.70 -2.94 11.08
CA PHE A 31 18.15 -1.92 11.97
C PHE A 31 19.10 -1.64 13.13
N GLU A 32 19.24 -2.62 14.04
CA GLU A 32 20.01 -2.43 15.26
C GLU A 32 21.52 -2.34 14.99
N GLN A 33 22.03 -3.06 14.00
CA GLN A 33 23.45 -2.96 13.65
C GLN A 33 23.86 -1.51 13.40
N GLN A 34 22.97 -0.71 12.81
CA GLN A 34 23.24 0.71 12.58
C GLN A 34 22.56 1.62 13.60
N ARG A 35 21.39 1.23 14.11
CA ARG A 35 20.67 2.08 15.08
C ARG A 35 21.45 2.18 16.40
N TYR A 36 21.95 1.07 16.91
CA TYR A 36 22.71 1.06 18.15
C TYR A 36 24.22 0.96 17.91
N ARG A 37 24.69 1.49 16.77
CA ARG A 37 26.11 1.64 16.50
C ARG A 37 26.75 2.71 17.37
N TYR A 38 25.95 3.45 18.14
CA TYR A 38 26.40 4.55 18.97
C TYR A 38 27.48 4.09 19.94
N LEU A 49 28.27 -11.51 22.77
CA LEU A 49 27.50 -10.66 23.67
C LEU A 49 26.27 -10.07 23.02
N LEU A 50 25.81 -8.94 23.57
CA LEU A 50 24.65 -8.19 23.09
C LEU A 50 23.41 -9.05 23.32
N ALA A 51 22.68 -9.49 22.29
CA ALA A 51 21.43 -10.26 22.51
C ALA A 51 20.33 -9.51 23.27
N LEU A 52 20.53 -9.30 24.58
CA LEU A 52 19.61 -8.56 25.47
C LEU A 52 18.37 -9.39 25.78
N LYS A 53 17.20 -8.90 25.39
CA LYS A 53 15.95 -9.60 25.69
C LYS A 53 15.85 -10.87 24.85
N GLY A 54 15.26 -11.91 25.44
CA GLY A 54 15.12 -13.19 24.77
C GLY A 54 14.37 -13.13 23.45
N SER A 55 13.86 -11.97 23.08
CA SER A 55 13.05 -11.77 21.87
C SER A 55 13.91 -11.45 20.64
N SER A 56 15.13 -12.00 20.55
CA SER A 56 16.05 -11.67 19.48
C SER A 56 17.12 -12.76 19.37
N TYR A 57 18.01 -12.57 18.40
CA TYR A 57 19.19 -13.40 18.13
C TYR A 57 18.85 -14.86 17.82
N SER A 58 17.99 -15.48 18.64
CA SER A 58 17.58 -16.85 18.41
C SER A 58 17.28 -17.11 16.93
N GLY A 59 16.54 -16.19 16.31
CA GLY A 59 16.26 -16.25 14.88
C GLY A 59 16.28 -14.88 14.22
N LEU A 60 16.77 -13.88 14.96
CA LEU A 60 16.86 -12.54 14.38
C LEU A 60 18.01 -12.44 13.38
N LEU A 61 19.18 -12.96 13.75
CA LEU A 61 20.31 -13.09 12.82
C LEU A 61 20.04 -14.14 11.73
N GLU A 62 19.02 -14.97 11.89
CA GLU A 62 18.58 -15.87 10.83
C GLU A 62 17.61 -15.18 9.89
N ARG A 63 16.73 -14.32 10.42
CA ARG A 63 15.92 -13.45 9.57
C ARG A 63 16.81 -12.70 8.58
N HIS A 64 17.93 -12.15 9.07
CA HIS A 64 18.86 -11.44 8.22
C HIS A 64 19.56 -12.40 7.25
N HIS A 65 20.04 -13.54 7.75
CA HIS A 65 20.79 -14.46 6.91
C HIS A 65 19.99 -14.90 5.70
N ILE A 66 18.68 -15.03 5.81
CA ILE A 66 17.93 -15.52 4.66
C ILE A 66 17.40 -14.40 3.77
N HIS A 67 17.36 -13.16 4.25
CA HIS A 67 17.09 -12.06 3.33
C HIS A 67 18.28 -11.85 2.40
N THR A 68 19.49 -11.71 2.97
CA THR A 68 20.65 -11.45 2.12
C THR A 68 20.92 -12.64 1.20
N LYS A 69 20.72 -13.87 1.70
CA LYS A 69 20.74 -15.05 0.83
C LYS A 69 19.90 -14.80 -0.42
N ASN A 70 18.58 -14.66 -0.26
CA ASN A 70 17.70 -14.45 -1.41
C ASN A 70 18.13 -13.27 -2.26
N VAL A 71 18.53 -12.18 -1.62
CA VAL A 71 18.96 -11.01 -2.37
C VAL A 71 20.12 -11.38 -3.29
N GLU A 72 21.15 -12.05 -2.74
CA GLU A 72 22.28 -12.43 -3.59
C GLU A 72 21.84 -13.35 -4.72
N HIS A 73 20.86 -14.23 -4.46
CA HIS A 73 20.36 -15.09 -5.53
C HIS A 73 19.72 -14.29 -6.65
N ILE A 74 18.92 -13.29 -6.30
CA ILE A 74 18.34 -12.37 -7.30
C ILE A 74 19.46 -11.72 -8.12
N ILE A 75 20.40 -11.05 -7.46
CA ILE A 75 21.40 -10.30 -8.22
C ILE A 75 22.41 -11.23 -8.89
N ASP A 76 22.67 -12.40 -8.30
CA ASP A 76 23.44 -13.42 -9.03
C ASP A 76 22.71 -13.87 -10.28
N SER A 77 21.37 -13.93 -10.23
CA SER A 77 20.63 -14.45 -11.37
C SER A 77 20.36 -13.39 -12.40
N LEU A 78 20.29 -12.12 -11.99
CA LEU A 78 20.37 -11.02 -12.95
C LEU A 78 21.70 -11.04 -13.70
N ARG A 79 22.81 -10.89 -12.96
CA ARG A 79 24.11 -10.68 -13.59
C ARG A 79 24.50 -11.86 -14.46
N ASN A 80 24.02 -13.07 -14.11
CA ASN A 80 24.35 -14.28 -14.86
C ASN A 80 23.60 -14.38 -16.18
N GLU A 81 22.55 -13.58 -16.36
CA GLU A 81 21.92 -13.36 -17.65
C GLU A 81 22.38 -12.04 -18.30
N GLY A 82 23.47 -11.44 -17.83
CA GLY A 82 23.94 -10.23 -18.48
C GLY A 82 23.04 -9.01 -18.37
N ILE A 83 22.37 -8.83 -17.22
CA ILE A 83 21.68 -7.58 -16.89
C ILE A 83 22.51 -6.85 -15.82
N GLU A 84 22.59 -5.53 -15.93
CA GLU A 84 23.46 -4.70 -15.11
C GLU A 84 22.66 -4.15 -13.93
N VAL A 85 23.14 -4.39 -12.70
CA VAL A 85 22.36 -4.08 -11.51
C VAL A 85 23.16 -3.20 -10.52
N ARG A 86 22.50 -2.16 -10.03
CA ARG A 86 22.91 -1.42 -8.84
C ARG A 86 22.00 -1.88 -7.71
N LEU A 87 22.58 -2.38 -6.63
CA LEU A 87 21.80 -2.82 -5.47
C LEU A 87 21.82 -1.72 -4.41
N VAL A 88 20.64 -1.23 -3.99
CA VAL A 88 20.58 -0.07 -3.10
C VAL A 88 19.48 -0.26 -2.04
N LYS A 89 19.70 0.34 -0.85
CA LYS A 89 18.77 0.23 0.26
C LYS A 89 17.95 1.51 0.42
N ARG A 90 17.00 1.45 1.36
CA ARG A 90 16.00 2.50 1.50
C ARG A 90 16.61 3.89 1.31
N ARG A 91 17.76 4.15 1.94
CA ARG A 91 18.34 5.49 1.92
C ARG A 91 19.06 5.85 0.62
N GLU A 92 19.38 4.90 -0.26
CA GLU A 92 20.11 5.23 -1.48
C GLU A 92 19.28 4.99 -2.74
N TYR A 93 17.96 4.86 -2.61
CA TYR A 93 17.04 4.66 -3.74
C TYR A 93 16.27 5.96 -3.97
N ASP A 94 16.52 6.58 -5.13
CA ASP A 94 16.01 7.90 -5.44
C ASP A 94 15.56 7.98 -6.90
N GLU A 95 14.84 9.06 -7.21
CA GLU A 95 14.31 9.29 -8.55
C GLU A 95 15.37 9.26 -9.63
N GLU A 96 16.64 9.52 -9.28
CA GLU A 96 17.73 9.53 -10.25
C GLU A 96 18.14 8.10 -10.66
N THR A 97 18.24 7.19 -9.69
CA THR A 97 18.56 5.79 -9.96
C THR A 97 17.42 5.09 -10.68
N VAL A 98 16.17 5.50 -10.41
CA VAL A 98 15.02 4.92 -11.09
C VAL A 98 15.05 5.23 -12.59
N ARG A 99 15.63 6.39 -12.99
CA ARG A 99 15.73 6.73 -14.41
C ARG A 99 16.86 5.96 -15.12
N TRP A 100 17.98 5.69 -14.44
CA TRP A 100 18.96 4.74 -14.98
C TRP A 100 18.31 3.38 -15.26
N ALA A 101 17.39 2.95 -14.38
CA ALA A 101 16.81 1.61 -14.47
C ALA A 101 15.90 1.48 -15.69
N ASP A 102 16.08 0.40 -16.45
CA ASP A 102 15.05 -0.01 -17.39
C ASP A 102 13.85 -0.58 -16.64
N ALA A 103 14.08 -1.22 -15.48
CA ALA A 103 13.05 -1.80 -14.63
C ALA A 103 13.52 -1.73 -13.17
N VAL A 104 12.57 -1.84 -12.24
CA VAL A 104 12.84 -1.68 -10.82
C VAL A 104 12.38 -2.92 -10.10
N ILE A 105 13.22 -3.44 -9.20
CA ILE A 105 12.90 -4.60 -8.37
C ILE A 105 12.91 -4.22 -6.90
N ALA A 106 11.77 -4.39 -6.23
CA ALA A 106 11.73 -4.34 -4.78
C ALA A 106 12.06 -5.73 -4.23
N ALA A 107 13.01 -5.80 -3.30
CA ALA A 107 13.50 -7.05 -2.74
C ALA A 107 13.24 -7.01 -1.25
N GLY A 108 12.01 -7.41 -0.88
CA GLY A 108 11.56 -7.40 0.48
C GLY A 108 10.15 -7.95 0.61
N GLY A 109 9.28 -7.16 1.22
CA GLY A 109 7.85 -7.43 1.23
C GLY A 109 7.08 -6.35 0.50
N ASP A 110 5.76 -6.29 0.69
CA ASP A 110 4.96 -5.27 0.03
C ASP A 110 5.38 -3.87 0.48
N GLY A 111 5.83 -3.76 1.75
CA GLY A 111 6.52 -2.58 2.24
C GLY A 111 7.47 -2.10 1.16
N THR A 112 8.46 -2.95 0.82
CA THR A 112 9.45 -2.60 -0.19
C THR A 112 8.82 -2.25 -1.52
N MET A 113 7.82 -3.03 -1.95
CA MET A 113 7.08 -2.75 -3.20
C MET A 113 6.49 -1.34 -3.19
N LEU A 114 5.78 -0.99 -2.09
CA LEU A 114 5.20 0.35 -1.97
C LEU A 114 6.27 1.44 -2.01
N LEU A 115 7.39 1.23 -1.30
CA LEU A 115 8.52 2.15 -1.36
C LEU A 115 9.06 2.26 -2.79
N ALA A 116 9.19 1.13 -3.49
CA ALA A 116 9.74 1.18 -4.85
C ALA A 116 8.79 1.89 -5.78
N ALA A 117 7.47 1.68 -5.59
CA ALA A 117 6.51 2.38 -6.42
C ALA A 117 6.47 3.87 -6.10
N SER A 118 6.87 4.27 -4.90
CA SER A 118 6.80 5.67 -4.52
C SER A 118 7.64 6.53 -5.47
N LYS A 119 8.83 6.05 -5.86
CA LYS A 119 9.76 6.84 -6.68
C LYS A 119 9.56 6.64 -8.18
N VAL A 120 8.68 5.73 -8.61
CA VAL A 120 8.29 5.57 -10.01
C VAL A 120 6.99 6.34 -10.25
N LEU A 121 6.94 7.14 -11.33
CA LEU A 121 5.69 7.81 -11.69
C LEU A 121 5.42 7.73 -13.20
N ASP A 122 5.84 6.64 -13.84
CA ASP A 122 5.89 6.50 -15.31
C ASP A 122 5.30 5.15 -15.70
N ARG A 123 4.09 5.17 -16.34
CA ARG A 123 3.34 3.94 -16.56
C ARG A 123 4.04 2.96 -17.48
N LEU A 124 5.27 3.20 -17.92
CA LEU A 124 5.97 2.25 -18.77
C LEU A 124 7.19 1.62 -18.11
N LYS A 125 7.72 2.22 -17.05
CA LYS A 125 8.69 1.56 -16.20
C LYS A 125 8.00 0.37 -15.57
N PRO A 126 8.49 -0.85 -15.73
CA PRO A 126 7.98 -1.95 -14.91
C PRO A 126 8.61 -1.96 -13.53
N VAL A 127 7.81 -2.29 -12.52
CA VAL A 127 8.33 -2.54 -11.18
C VAL A 127 7.81 -3.90 -10.71
N ILE A 128 8.71 -4.74 -10.22
CA ILE A 128 8.42 -6.14 -9.90
C ILE A 128 8.93 -6.42 -8.51
N GLY A 129 8.10 -7.04 -7.66
CA GLY A 129 8.48 -7.36 -6.29
C GLY A 129 8.85 -8.82 -6.19
N VAL A 130 9.96 -9.10 -5.50
CA VAL A 130 10.38 -10.45 -5.18
C VAL A 130 10.30 -10.62 -3.66
N ASN A 131 9.44 -11.55 -3.20
CA ASN A 131 9.33 -11.84 -1.77
C ASN A 131 10.63 -12.45 -1.24
N THR A 132 11.50 -11.59 -0.74
CA THR A 132 12.81 -11.93 -0.21
C THR A 132 12.79 -12.83 1.04
N ASP A 133 11.61 -13.10 1.64
CA ASP A 133 11.48 -13.90 2.85
C ASP A 133 10.05 -14.42 3.02
N PRO A 134 9.72 -15.57 2.43
CA PRO A 134 8.32 -15.97 2.33
C PRO A 134 7.67 -16.33 3.64
N GLU A 135 8.35 -17.05 4.53
CA GLU A 135 7.60 -17.58 5.67
C GLU A 135 7.15 -16.50 6.66
N ARG A 136 7.58 -15.23 6.49
CA ARG A 136 7.11 -14.15 7.36
C ARG A 136 6.67 -12.87 6.60
N SER A 137 7.27 -12.53 5.46
CA SER A 137 6.63 -11.54 4.57
C SER A 137 5.34 -12.10 4.00
N GLU A 138 4.46 -11.21 3.54
CA GLU A 138 3.23 -11.69 2.90
C GLU A 138 3.38 -11.75 1.38
N GLY A 139 3.68 -10.63 0.74
CA GLY A 139 4.00 -10.66 -0.67
C GLY A 139 2.85 -10.50 -1.65
N HIS A 140 1.64 -10.11 -1.19
CA HIS A 140 0.54 -10.16 -2.18
C HIS A 140 0.69 -9.07 -3.37
N LEU A 141 1.82 -8.37 -3.48
CA LEU A 141 2.14 -7.56 -4.65
C LEU A 141 3.37 -8.06 -5.39
N CYS A 142 3.99 -9.13 -4.93
CA CYS A 142 5.21 -9.66 -5.49
C CYS A 142 4.95 -10.96 -6.27
N LEU A 143 5.91 -11.29 -7.12
CA LEU A 143 6.03 -12.62 -7.77
C LEU A 143 5.82 -13.74 -6.77
N PRO A 144 5.24 -14.87 -7.18
CA PRO A 144 5.01 -15.99 -6.26
C PRO A 144 6.28 -16.49 -5.56
N VAL A 145 6.08 -17.25 -4.49
CA VAL A 145 7.18 -17.71 -3.66
C VAL A 145 8.09 -18.62 -4.47
N ARG A 146 7.57 -19.23 -5.52
CA ARG A 146 8.38 -20.03 -6.44
C ARG A 146 9.65 -19.27 -6.88
N TYR A 147 9.47 -18.09 -7.49
CA TYR A 147 10.55 -17.35 -8.13
C TYR A 147 11.52 -16.69 -7.16
N THR A 148 11.20 -16.65 -5.87
CA THR A 148 12.12 -16.18 -4.86
C THR A 148 13.40 -16.99 -4.85
N HIS A 149 13.32 -18.28 -5.21
CA HIS A 149 14.48 -19.18 -5.25
C HIS A 149 14.70 -19.87 -6.59
N SER A 150 13.77 -19.74 -7.53
CA SER A 150 14.03 -20.16 -8.89
C SER A 150 13.92 -18.92 -9.76
N PHE A 151 14.77 -17.94 -9.51
CA PHE A 151 14.51 -16.64 -10.10
C PHE A 151 14.88 -16.53 -11.58
N PRO A 152 15.87 -17.29 -12.10
CA PRO A 152 16.01 -17.38 -13.57
C PRO A 152 14.76 -17.87 -14.26
N GLU A 153 14.03 -18.81 -13.63
CA GLU A 153 12.75 -19.25 -14.20
C GLU A 153 11.82 -18.07 -14.44
N ALA A 154 11.91 -17.04 -13.58
CA ALA A 154 11.15 -15.83 -13.84
C ALA A 154 11.74 -15.06 -15.03
N LEU A 155 13.05 -14.79 -14.98
CA LEU A 155 13.69 -14.02 -16.03
C LEU A 155 13.47 -14.68 -17.40
N GLN A 156 13.51 -16.00 -17.44
CA GLN A 156 13.23 -16.70 -18.69
C GLN A 156 11.79 -16.48 -19.13
N LYS A 157 10.83 -16.56 -18.21
CA LYS A 157 9.44 -16.30 -18.57
C LYS A 157 9.28 -14.87 -19.10
N PHE A 158 10.02 -13.91 -18.53
CA PHE A 158 9.96 -12.54 -19.04
C PHE A 158 10.45 -12.49 -20.48
N TYR A 159 11.64 -13.05 -20.75
CA TYR A 159 12.13 -13.12 -22.12
C TYR A 159 11.07 -13.70 -23.05
N ARG A 160 10.65 -14.94 -22.77
CA ARG A 160 9.70 -15.68 -23.61
C ARG A 160 8.26 -15.15 -23.57
N GLY A 161 7.97 -14.14 -22.75
CA GLY A 161 6.64 -13.55 -22.82
C GLY A 161 5.51 -14.38 -22.24
N GLU A 162 5.82 -15.49 -21.56
CA GLU A 162 4.84 -16.23 -20.75
C GLU A 162 4.48 -15.48 -19.47
N PHE A 163 4.11 -14.21 -19.60
CA PHE A 163 3.65 -13.38 -18.50
C PHE A 163 2.59 -12.44 -19.05
N ARG A 164 2.15 -11.52 -18.20
CA ARG A 164 1.03 -10.65 -18.51
C ARG A 164 1.25 -9.32 -17.79
N TRP A 165 0.76 -8.23 -18.37
CA TRP A 165 0.96 -6.89 -17.82
C TRP A 165 -0.24 -6.52 -16.96
N LEU A 166 0.04 -6.08 -15.74
CA LEU A 166 -1.00 -5.61 -14.82
C LEU A 166 -0.78 -4.14 -14.53
N TRP A 167 -1.56 -3.27 -15.17
CA TRP A 167 -1.44 -1.83 -14.93
C TRP A 167 -2.37 -1.53 -13.77
N ARG A 168 -1.75 -1.30 -12.60
CA ARG A 168 -2.43 -1.11 -11.32
C ARG A 168 -2.81 0.35 -11.12
N GLN A 169 -4.08 0.58 -10.77
CA GLN A 169 -4.54 1.95 -10.57
C GLN A 169 -3.97 2.56 -9.30
N ARG A 170 -3.77 3.88 -9.36
CA ARG A 170 -3.05 4.65 -8.35
C ARG A 170 -3.78 5.97 -8.12
N ILE A 171 -3.92 6.32 -6.85
CA ILE A 171 -4.63 7.52 -6.46
C ILE A 171 -3.67 8.70 -6.51
N ARG A 172 -4.14 9.82 -7.05
CA ARG A 172 -3.31 11.00 -7.23
C ARG A 172 -3.84 12.12 -6.35
N LEU A 173 -2.94 12.87 -5.71
CA LEU A 173 -3.27 13.75 -4.61
C LEU A 173 -3.18 15.23 -5.01
N TYR A 174 -3.95 16.09 -4.33
CA TYR A 174 -4.05 17.50 -4.72
C TYR A 174 -4.42 18.36 -3.52
N LEU A 175 -3.51 19.27 -3.15
CA LEU A 175 -3.62 20.05 -1.93
C LEU A 175 -3.74 21.53 -2.28
N GLU A 176 -4.61 22.22 -1.56
CA GLU A 176 -4.80 23.65 -1.77
C GLU A 176 -5.39 24.23 -0.50
N GLY A 177 -5.84 25.47 -0.56
CA GLY A 177 -6.39 26.11 0.61
C GLY A 177 -5.37 26.98 1.31
N THR A 178 -5.43 27.01 2.63
CA THR A 178 -4.61 27.95 3.37
C THR A 178 -4.12 27.30 4.67
N GLY A 179 -3.00 27.83 5.18
CA GLY A 179 -2.30 27.15 6.26
C GLY A 179 -1.67 25.86 5.84
N ILE A 180 -1.64 25.57 4.52
CA ILE A 180 -1.28 24.26 4.01
C ILE A 180 0.22 24.14 3.92
N ASN A 181 0.69 22.90 3.75
CA ASN A 181 2.12 22.63 3.69
C ASN A 181 2.32 21.32 2.93
N PRO A 182 2.57 21.40 1.62
CA PRO A 182 2.65 20.20 0.78
C PRO A 182 3.99 19.50 0.84
N VAL A 183 4.89 19.91 1.73
CA VAL A 183 6.16 19.21 1.83
C VAL A 183 5.91 17.79 2.32
N PRO A 184 6.39 16.77 1.64
CA PRO A 184 6.20 15.40 2.11
C PRO A 184 7.06 15.10 3.32
N VAL A 185 6.66 14.05 4.03
CA VAL A 185 7.35 13.59 5.24
C VAL A 185 7.54 12.10 5.10
N ASP A 186 8.79 11.66 4.93
CA ASP A 186 9.09 10.25 5.05
C ASP A 186 8.86 9.81 6.50
N LEU A 187 7.93 8.87 6.70
CA LEU A 187 7.70 8.31 8.03
C LEU A 187 8.82 7.39 8.48
N HIS A 188 9.53 6.78 7.54
CA HIS A 188 10.78 6.13 7.85
C HIS A 188 11.86 7.13 8.41
N GLU A 189 11.44 8.36 8.74
CA GLU A 189 12.27 9.47 9.24
C GLU A 189 13.70 9.44 8.73
N ALA A 213 -4.04 31.78 0.84
CA ALA A 213 -4.61 31.83 -0.50
C ALA A 213 -3.63 31.22 -1.51
N SER A 214 -3.92 29.98 -1.91
CA SER A 214 -2.98 29.21 -2.72
C SER A 214 -3.76 28.29 -3.65
N GLY A 215 -3.16 28.02 -4.81
CA GLY A 215 -3.78 27.22 -5.84
C GLY A 215 -3.58 25.74 -5.63
N PRO A 216 -4.23 24.91 -6.47
CA PRO A 216 -4.14 23.46 -6.30
C PRO A 216 -2.77 22.91 -6.67
N GLN A 217 -1.98 22.55 -5.66
CA GLN A 217 -0.70 21.91 -5.85
C GLN A 217 -0.88 20.39 -5.86
N LEU A 218 -0.02 19.71 -6.64
CA LEU A 218 -0.04 18.26 -6.82
C LEU A 218 0.98 17.59 -5.90
N LEU A 219 0.53 16.74 -5.01
CA LEU A 219 1.45 16.12 -4.08
C LEU A 219 2.27 15.02 -4.75
N PRO A 220 3.59 14.93 -4.44
CA PRO A 220 4.49 14.13 -5.27
C PRO A 220 4.60 12.68 -4.85
N VAL A 221 3.56 12.12 -4.25
CA VAL A 221 3.44 10.66 -4.19
C VAL A 221 2.08 10.28 -4.77
N ARG A 222 2.05 9.15 -5.45
CA ARG A 222 0.78 8.53 -5.78
C ARG A 222 0.45 7.52 -4.70
N ALA A 223 -0.81 7.10 -4.66
CA ALA A 223 -1.24 6.07 -3.72
C ALA A 223 -1.50 4.74 -4.45
N LEU A 224 -0.68 3.73 -4.16
CA LEU A 224 -0.97 2.40 -4.67
C LEU A 224 -2.01 1.72 -3.80
N ASN A 225 -1.80 1.81 -2.49
CA ASN A 225 -2.67 1.15 -1.52
C ASN A 225 -3.79 2.06 -1.07
N GLU A 226 -3.46 3.16 -0.38
CA GLU A 226 -4.50 4.04 0.17
C GLU A 226 -3.96 5.43 0.47
N VAL A 227 -4.88 6.30 0.90
CA VAL A 227 -4.65 7.64 1.44
C VAL A 227 -5.51 7.77 2.68
N PHE A 228 -4.90 7.87 3.84
CA PHE A 228 -5.64 7.84 5.10
C PHE A 228 -5.60 9.23 5.74
N ILE A 229 -6.73 9.95 5.69
CA ILE A 229 -6.87 11.21 6.42
C ILE A 229 -7.31 10.89 7.85
N GLY A 230 -6.82 11.66 8.81
CA GLY A 230 -7.30 11.51 10.18
C GLY A 230 -6.41 12.22 11.16
N GLU A 231 -6.90 12.30 12.40
CA GLU A 231 -6.18 13.00 13.46
C GLU A 231 -4.97 12.21 13.92
N SER A 232 -3.94 12.97 14.35
CA SER A 232 -2.64 12.42 14.69
C SER A 232 -2.66 11.65 16.00
N LEU A 233 -3.03 12.33 17.09
CA LEU A 233 -3.49 11.65 18.30
C LEU A 233 -4.63 10.70 17.95
N SER A 234 -4.40 9.39 18.09
CA SER A 234 -5.45 8.46 17.67
C SER A 234 -6.72 8.58 18.52
N SER A 235 -6.67 9.34 19.63
CA SER A 235 -7.81 9.58 20.51
C SER A 235 -8.58 10.87 20.19
N ARG A 236 -7.90 11.86 19.58
CA ARG A 236 -8.58 13.06 19.08
C ARG A 236 -9.46 12.68 17.90
N ALA A 237 -10.73 13.07 17.93
CA ALA A 237 -11.63 12.73 16.83
C ALA A 237 -11.38 13.63 15.62
N SER A 238 -11.65 13.10 14.44
CA SER A 238 -11.52 13.85 13.21
C SER A 238 -12.86 14.51 12.86
N TYR A 239 -12.77 15.67 12.23
CA TYR A 239 -13.91 16.44 11.77
C TYR A 239 -13.53 17.04 10.42
N TYR A 240 -14.44 16.96 9.43
CA TYR A 240 -14.17 17.47 8.09
C TYR A 240 -15.49 17.52 7.32
N GLU A 241 -15.42 18.09 6.11
CA GLU A 241 -16.52 18.10 5.16
C GLU A 241 -16.08 17.40 3.88
N ILE A 242 -16.76 16.26 3.55
CA ILE A 242 -16.47 15.46 2.36
C ILE A 242 -17.39 15.87 1.22
N SER A 243 -16.95 15.64 -0.01
CA SER A 243 -17.77 15.89 -1.20
C SER A 243 -17.44 14.86 -2.29
N VAL A 244 -18.38 13.96 -2.54
CA VAL A 244 -18.18 12.82 -3.45
C VAL A 244 -18.67 13.18 -4.84
N ASP A 245 -17.80 12.98 -5.84
CA ASP A 245 -18.14 13.17 -7.24
C ASP A 245 -18.75 14.55 -7.49
N ASP A 246 -18.23 15.56 -6.79
CA ASP A 246 -18.71 16.94 -6.84
C ASP A 246 -20.12 17.11 -6.27
N GLY A 247 -20.58 16.18 -5.44
CA GLY A 247 -21.82 16.36 -4.74
C GLY A 247 -21.67 17.37 -3.59
N PRO A 248 -22.78 17.69 -2.94
CA PRO A 248 -22.72 18.66 -1.83
C PRO A 248 -21.82 18.20 -0.70
N TRP A 249 -21.41 19.17 0.12
CA TRP A 249 -20.51 18.89 1.25
C TRP A 249 -21.33 18.49 2.46
N GLU A 250 -21.05 17.30 2.99
CA GLU A 250 -21.59 16.90 4.27
C GLU A 250 -20.50 16.96 5.32
N LYS A 251 -20.87 17.37 6.53
CA LYS A 251 -19.95 17.34 7.65
C LYS A 251 -19.79 15.90 8.13
N GLN A 252 -18.70 15.64 8.83
CA GLN A 252 -18.49 14.29 9.35
C GLN A 252 -17.60 14.32 10.58
N LYS A 253 -17.83 13.39 11.50
CA LYS A 253 -16.98 13.19 12.67
C LYS A 253 -16.70 11.70 12.79
N SER A 254 -15.41 11.32 12.73
CA SER A 254 -15.02 9.92 12.75
C SER A 254 -13.57 9.79 13.21
N SER A 255 -13.09 8.55 13.26
CA SER A 255 -11.69 8.26 13.56
C SER A 255 -10.82 8.29 12.30
N GLY A 256 -11.27 8.94 11.23
CA GLY A 256 -10.47 9.17 10.05
C GLY A 256 -11.17 8.74 8.77
N LEU A 257 -10.45 8.96 7.65
CA LEU A 257 -10.91 8.59 6.32
C LEU A 257 -9.88 7.71 5.65
N ASN A 258 -10.34 6.63 5.05
CA ASN A 258 -9.54 5.77 4.20
C ASN A 258 -9.94 5.98 2.74
N LEU A 259 -8.95 5.90 1.84
CA LEU A 259 -9.19 6.09 0.40
C LEU A 259 -8.25 5.18 -0.38
N CYS A 260 -8.77 4.03 -0.81
CA CYS A 260 -7.98 2.97 -1.41
C CYS A 260 -8.26 2.81 -2.90
N THR A 261 -7.29 2.22 -3.59
CA THR A 261 -7.39 1.71 -4.96
C THR A 261 -7.98 0.29 -4.96
N GLY A 262 -8.33 -0.21 -6.16
CA GLY A 262 -8.73 -1.61 -6.24
C GLY A 262 -7.71 -2.55 -5.58
N THR A 263 -6.43 -2.32 -5.87
CA THR A 263 -5.40 -3.16 -5.28
C THR A 263 -5.28 -2.92 -3.78
N GLY A 264 -5.47 -1.67 -3.32
CA GLY A 264 -5.44 -1.36 -1.90
C GLY A 264 -6.66 -1.77 -1.10
N SER A 265 -7.66 -2.37 -1.75
CA SER A 265 -8.87 -2.79 -1.06
C SER A 265 -8.68 -4.07 -0.26
N LYS A 266 -7.58 -4.79 -0.47
CA LYS A 266 -7.24 -5.97 0.32
C LYS A 266 -6.32 -5.62 1.48
N ALA A 267 -5.88 -4.36 1.56
CA ALA A 267 -4.97 -3.86 2.59
C ALA A 267 -5.75 -3.26 3.75
N TRP A 268 -5.65 -1.94 3.92
CA TRP A 268 -6.31 -1.35 5.07
C TRP A 268 -7.82 -1.31 4.90
N SER A 269 -8.31 -0.89 3.72
CA SER A 269 -9.75 -0.78 3.54
C SER A 269 -10.49 -2.07 3.89
N PHE A 270 -9.78 -3.21 3.93
CA PHE A 270 -10.36 -4.49 4.34
C PHE A 270 -10.57 -4.55 5.86
N ASN A 271 -9.51 -4.33 6.65
CA ASN A 271 -9.58 -4.39 8.11
C ASN A 271 -10.54 -3.36 8.70
N ILE A 272 -10.70 -2.20 8.03
CA ILE A 272 -11.72 -1.22 8.39
C ILE A 272 -13.11 -1.86 8.36
N ASN A 273 -13.46 -2.49 7.22
CA ASN A 273 -14.84 -2.80 6.86
C ASN A 273 -15.24 -4.26 7.05
N ARG A 274 -14.28 -5.18 7.14
CA ARG A 274 -14.59 -6.60 7.29
C ARG A 274 -15.44 -6.87 8.54
N VAL A 275 -16.19 -7.97 8.50
CA VAL A 275 -16.97 -8.43 9.64
C VAL A 275 -16.28 -9.61 10.28
N ALA A 276 -16.69 -9.92 11.50
CA ALA A 276 -16.13 -11.02 12.28
C ALA A 276 -17.15 -12.13 12.35
N THR A 277 -16.65 -13.36 12.36
CA THR A 277 -17.56 -14.50 12.39
C THR A 277 -18.20 -14.70 13.76
N GLN A 278 -17.58 -14.18 14.83
CA GLN A 278 -18.15 -14.27 16.18
C GLN A 278 -19.20 -13.21 16.45
N ALA A 279 -19.28 -12.18 15.59
CA ALA A 279 -20.24 -11.10 15.71
C ALA A 279 -21.29 -11.10 14.60
N VAL A 280 -21.25 -12.08 13.70
CA VAL A 280 -22.41 -12.37 12.86
C VAL A 280 -23.32 -13.39 13.54
N GLU A 281 -22.74 -14.34 14.26
CA GLU A 281 -23.52 -15.17 15.19
C GLU A 281 -24.28 -14.29 16.18
N ASP A 282 -23.65 -13.21 16.65
CA ASP A 282 -24.32 -12.28 17.53
C ASP A 282 -25.43 -11.53 16.79
N VAL A 283 -25.21 -11.21 15.51
CA VAL A 283 -26.23 -10.48 14.76
C VAL A 283 -27.32 -11.43 14.27
N LEU A 284 -26.99 -12.68 13.98
CA LEU A 284 -27.99 -13.57 13.41
C LEU A 284 -28.85 -14.25 14.48
N ASN A 285 -28.47 -14.12 15.76
CA ASN A 285 -29.23 -14.69 16.86
C ASN A 285 -30.26 -13.71 17.43
N ILE A 286 -29.97 -12.41 17.36
CA ILE A 286 -31.00 -11.39 17.59
C ILE A 286 -31.92 -11.33 16.39
N ALA A 287 -31.42 -11.71 15.21
CA ALA A 287 -32.23 -11.87 14.00
C ALA A 287 -32.98 -13.19 14.03
N LYS A 288 -33.22 -13.69 15.23
CA LYS A 288 -34.01 -14.89 15.46
C LYS A 288 -35.34 -14.57 16.13
N ARG A 289 -35.33 -13.71 17.14
CA ARG A 289 -36.57 -13.28 17.79
C ARG A 289 -37.31 -12.23 16.94
N SER A 294 -35.97 -18.76 9.40
CA SER A 294 -35.63 -19.52 8.21
C SER A 294 -34.71 -20.67 8.56
N LEU A 295 -33.44 -20.29 8.84
CA LEU A 295 -32.29 -21.18 8.97
C LEU A 295 -32.21 -21.77 10.38
N PRO A 296 -31.62 -22.96 10.48
CA PRO A 296 -31.25 -23.50 11.81
C PRO A 296 -29.94 -22.95 12.35
N LEU A 297 -29.12 -22.32 11.50
CA LEU A 297 -27.85 -21.69 11.88
C LEU A 297 -26.78 -22.69 12.33
N ASN A 298 -26.01 -23.22 11.39
CA ASN A 298 -24.85 -24.05 11.66
C ASN A 298 -23.57 -23.25 11.46
N ARG A 299 -22.45 -23.80 11.96
CA ARG A 299 -21.17 -23.10 11.81
C ARG A 299 -20.75 -22.96 10.35
N GLU A 300 -21.21 -23.87 9.49
CA GLU A 300 -20.91 -23.79 8.06
C GLU A 300 -21.53 -22.54 7.44
N LEU A 301 -22.72 -22.15 7.92
CA LEU A 301 -23.37 -20.96 7.38
C LEU A 301 -22.68 -19.69 7.89
N VAL A 302 -22.26 -19.68 9.17
CA VAL A 302 -21.63 -18.49 9.76
C VAL A 302 -20.45 -18.03 8.93
N GLU A 303 -19.73 -18.98 8.32
CA GLU A 303 -18.61 -18.63 7.48
C GLU A 303 -19.07 -18.24 6.07
N LYS A 304 -20.19 -18.79 5.61
CA LYS A 304 -20.61 -18.53 4.22
C LYS A 304 -21.42 -17.25 4.08
N VAL A 305 -21.84 -16.63 5.19
CA VAL A 305 -22.40 -15.29 5.12
C VAL A 305 -21.32 -14.23 5.29
N THR A 306 -20.32 -14.48 6.14
CA THR A 306 -19.20 -13.55 6.24
C THR A 306 -18.35 -13.56 4.99
N ASN A 307 -18.09 -14.74 4.41
CA ASN A 307 -17.18 -14.85 3.27
C ASN A 307 -17.76 -14.27 2.00
N GLU A 308 -19.08 -14.16 1.89
CA GLU A 308 -19.63 -13.45 0.75
C GLU A 308 -19.77 -11.95 1.02
N TYR A 309 -19.77 -11.53 2.30
CA TYR A 309 -19.74 -10.11 2.64
C TYR A 309 -18.35 -9.51 2.41
N ASN A 310 -17.32 -10.11 3.01
CA ASN A 310 -15.96 -9.66 2.81
C ASN A 310 -15.54 -9.76 1.35
N GLU A 311 -16.26 -10.54 0.54
CA GLU A 311 -15.97 -10.68 -0.88
C GLU A 311 -16.40 -9.47 -1.71
N SER A 312 -17.34 -8.68 -1.22
CA SER A 312 -17.75 -7.49 -1.95
C SER A 312 -16.87 -6.28 -1.65
N LEU A 313 -16.02 -6.35 -0.62
CA LEU A 313 -15.09 -5.28 -0.28
C LEU A 313 -13.82 -5.27 -1.12
N LEU A 314 -13.67 -6.21 -2.05
CA LEU A 314 -12.49 -6.28 -2.92
C LEU A 314 -12.92 -6.08 -4.36
N TYR A 315 -12.19 -5.26 -5.09
CA TYR A 315 -12.45 -5.07 -6.50
C TYR A 315 -11.14 -5.10 -7.27
N SER A 316 -11.16 -4.66 -8.57
CA SER A 316 -9.96 -5.15 -9.21
C SER A 316 -8.91 -4.05 -9.31
N PRO A 317 -7.62 -4.41 -9.22
CA PRO A 317 -6.55 -3.43 -9.38
C PRO A 317 -6.70 -2.56 -10.61
N GLU A 318 -7.11 -3.14 -11.74
CA GLU A 318 -7.26 -2.34 -12.93
C GLU A 318 -8.51 -1.48 -12.86
N GLU A 319 -9.42 -1.78 -11.94
CA GLU A 319 -10.63 -0.99 -11.85
C GLU A 319 -10.27 0.43 -11.41
N PRO A 320 -10.79 1.45 -12.08
CA PRO A 320 -10.44 2.84 -11.71
C PRO A 320 -11.47 3.52 -10.82
N LYS A 321 -11.72 2.97 -9.64
CA LYS A 321 -12.60 3.61 -8.65
C LYS A 321 -11.87 3.68 -7.32
N ILE A 322 -12.17 4.72 -6.55
CA ILE A 322 -11.62 4.90 -5.21
C ILE A 322 -12.71 4.49 -4.22
N LEU A 323 -12.50 3.35 -3.54
CA LEU A 323 -13.44 2.89 -2.52
C LEU A 323 -13.13 3.63 -1.23
N PHE A 324 -13.94 4.61 -0.88
CA PHE A 324 -13.63 5.42 0.28
C PHE A 324 -14.64 5.15 1.40
N SER A 325 -14.12 4.69 2.54
CA SER A 325 -14.90 4.37 3.71
C SER A 325 -14.63 5.41 4.78
N ILE A 326 -15.57 5.53 5.70
CA ILE A 326 -15.42 6.39 6.87
C ILE A 326 -15.08 5.49 8.02
N ARG A 327 -13.91 5.68 8.63
CA ARG A 327 -13.47 4.74 9.68
C ARG A 327 -14.16 5.05 11.00
N GLU A 328 -14.87 4.07 11.55
CA GLU A 328 -15.66 4.17 12.77
C GLU A 328 -16.42 5.50 12.87
N PRO A 329 -17.38 5.76 11.97
CA PRO A 329 -18.10 7.04 12.00
C PRO A 329 -18.79 7.24 13.33
N ILE A 330 -18.94 8.50 13.72
CA ILE A 330 -19.58 8.88 14.97
C ILE A 330 -20.85 9.64 14.60
N ALA A 331 -21.98 8.94 14.68
CA ALA A 331 -23.29 9.50 14.36
C ALA A 331 -23.83 10.35 15.52
N VAL A 334 -27.66 17.11 14.96
CA VAL A 334 -26.23 16.83 14.94
C VAL A 334 -25.79 16.44 13.52
N PHE A 335 -24.48 16.55 13.27
CA PHE A 335 -23.86 15.99 12.06
C PHE A 335 -24.29 14.54 11.86
N SER A 336 -25.06 14.27 10.81
CA SER A 336 -25.51 12.91 10.52
C SER A 336 -24.51 12.20 9.59
N SER A 337 -24.74 10.89 9.41
CA SER A 337 -23.70 10.00 8.91
C SER A 337 -24.16 9.32 7.62
N SER A 338 -24.60 8.06 7.69
CA SER A 338 -24.87 7.20 6.54
C SER A 338 -23.62 7.01 5.68
N ARG A 339 -23.79 6.35 4.53
CA ARG A 339 -22.70 5.87 3.67
C ARG A 339 -21.46 5.46 4.47
N GLN A 340 -21.47 4.23 4.96
CA GLN A 340 -20.28 3.68 5.60
C GLN A 340 -19.10 3.63 4.64
N ARG A 341 -19.38 3.47 3.34
CA ARG A 341 -18.41 3.40 2.25
C ARG A 341 -19.18 3.41 0.94
N CYS A 342 -18.46 3.64 -0.15
CA CYS A 342 -19.06 3.79 -1.46
C CYS A 342 -17.98 4.03 -2.50
N PHE A 343 -18.29 3.66 -3.75
CA PHE A 343 -17.36 3.84 -4.86
C PHE A 343 -17.50 5.24 -5.44
N SER A 344 -16.37 5.82 -5.78
CA SER A 344 -16.42 7.09 -6.49
C SER A 344 -15.17 7.23 -7.35
N SER A 345 -15.18 8.29 -8.17
CA SER A 345 -14.06 8.66 -9.03
C SER A 345 -13.27 9.82 -8.46
N LYS A 346 -13.95 10.83 -7.90
CA LYS A 346 -13.30 11.96 -7.26
C LYS A 346 -13.95 12.19 -5.92
N VAL A 347 -13.14 12.38 -4.89
CA VAL A 347 -13.63 12.84 -3.60
C VAL A 347 -12.68 13.91 -3.09
N CYS A 348 -13.24 15.03 -2.64
CA CYS A 348 -12.49 16.12 -2.02
C CYS A 348 -12.98 16.32 -0.59
N VAL A 349 -12.03 16.40 0.37
CA VAL A 349 -12.38 16.59 1.77
C VAL A 349 -11.71 17.88 2.27
N ARG A 350 -12.43 18.56 3.15
CA ARG A 350 -12.03 19.86 3.69
C ARG A 350 -11.66 19.68 5.15
N SER A 351 -10.38 19.93 5.49
CA SER A 351 -9.93 19.66 6.83
C SER A 351 -10.53 20.65 7.82
N ARG A 352 -10.98 20.12 8.96
CA ARG A 352 -11.38 20.96 10.08
C ARG A 352 -10.66 20.50 11.34
N CYS A 353 -9.52 19.82 11.19
CA CYS A 353 -8.81 19.22 12.30
C CYS A 353 -7.80 20.21 12.85
N TRP A 354 -7.24 19.87 14.02
CA TRP A 354 -6.23 20.67 14.70
C TRP A 354 -4.81 20.28 14.30
N ASP A 355 -4.47 18.99 14.45
CA ASP A 355 -3.14 18.46 14.13
C ASP A 355 -3.39 17.10 13.50
N ALA A 356 -3.63 17.08 12.18
CA ALA A 356 -3.94 15.85 11.47
C ALA A 356 -3.05 15.74 10.24
N CYS A 357 -2.89 14.50 9.76
CA CYS A 357 -2.16 14.24 8.53
C CYS A 357 -3.02 13.42 7.59
N MET A 358 -2.70 13.53 6.30
CA MET A 358 -3.12 12.54 5.31
C MET A 358 -1.89 11.75 4.90
N VAL A 359 -2.01 10.42 4.96
CA VAL A 359 -0.86 9.51 4.89
C VAL A 359 -1.04 8.55 3.73
N VAL A 360 -0.09 8.57 2.79
CA VAL A 360 -0.17 7.83 1.54
C VAL A 360 0.69 6.56 1.62
N ASP A 361 0.04 5.40 1.53
CA ASP A 361 0.68 4.08 1.54
C ASP A 361 1.50 3.86 2.82
N GLY A 362 1.17 4.60 3.88
CA GLY A 362 1.85 4.46 5.15
C GLY A 362 3.27 5.00 5.23
N GLY A 363 3.81 5.55 4.15
CA GLY A 363 5.21 5.93 4.18
C GLY A 363 5.48 7.42 4.07
N THR A 364 4.53 8.17 3.52
CA THR A 364 4.67 9.60 3.31
C THR A 364 3.52 10.28 4.01
N SER A 365 3.79 11.38 4.74
CA SER A 365 2.74 12.13 5.40
C SER A 365 2.69 13.61 5.01
N PHE A 366 1.46 14.16 5.00
CA PHE A 366 1.21 15.58 4.69
C PHE A 366 0.36 16.21 5.78
N GLU A 367 0.67 17.46 6.13
CA GLU A 367 -0.18 18.15 7.10
C GLU A 367 -1.56 18.37 6.50
N PHE A 368 -2.58 18.30 7.35
CA PHE A 368 -3.92 18.51 6.89
C PHE A 368 -4.74 19.04 8.06
N ASN A 369 -4.33 20.21 8.56
CA ASN A 369 -5.05 20.94 9.59
C ASN A 369 -6.10 21.85 8.96
N ASP A 370 -6.91 22.45 9.83
CA ASP A 370 -8.03 23.27 9.37
C ASP A 370 -7.58 24.35 8.40
N GLY A 371 -8.31 24.44 7.28
CA GLY A 371 -8.03 25.40 6.23
C GLY A 371 -7.46 24.78 4.97
N ALA A 372 -6.96 23.55 5.05
CA ALA A 372 -6.43 22.82 3.92
C ALA A 372 -7.55 22.05 3.22
N ILE A 373 -7.35 21.79 1.94
CA ILE A 373 -8.27 21.02 1.10
C ILE A 373 -7.47 20.02 0.29
N ALA A 374 -7.98 18.78 0.21
CA ALA A 374 -7.38 17.75 -0.62
C ALA A 374 -8.43 17.16 -1.58
N SER A 375 -7.93 16.61 -2.70
CA SER A 375 -8.78 16.09 -3.79
C SER A 375 -8.11 14.84 -4.38
N MET A 376 -8.76 13.68 -4.26
CA MET A 376 -8.22 12.42 -4.79
C MET A 376 -8.92 12.05 -6.09
N MET A 377 -8.15 11.48 -7.02
CA MET A 377 -8.69 11.10 -8.32
C MET A 377 -7.71 10.17 -9.00
N ILE A 378 -8.24 9.16 -9.67
CA ILE A 378 -7.41 8.25 -10.48
C ILE A 378 -7.24 8.88 -11.86
N ASN A 379 -5.99 8.95 -12.30
CA ASN A 379 -5.65 9.53 -13.59
C ASN A 379 -4.69 8.52 -14.25
N LYS A 380 -4.73 8.43 -15.60
CA LYS A 380 -4.15 7.26 -16.28
C LYS A 380 -2.63 7.18 -16.17
N GLU A 381 -1.93 8.30 -16.40
CA GLU A 381 -0.47 8.30 -16.34
C GLU A 381 0.08 7.97 -14.95
N ASP A 382 -0.80 7.71 -13.99
CA ASP A 382 -0.36 7.20 -12.70
C ASP A 382 -0.25 5.70 -12.66
N GLU A 383 -1.06 4.98 -13.46
CA GLU A 383 -1.17 3.54 -13.27
C GLU A 383 0.19 2.86 -13.41
N LEU A 384 0.49 1.99 -12.45
CA LEU A 384 1.81 1.42 -12.24
C LEU A 384 1.89 0.06 -12.92
N ARG A 385 3.04 -0.24 -13.53
CA ARG A 385 3.21 -1.38 -14.46
C ARG A 385 3.84 -2.58 -13.72
N THR A 386 3.00 -3.46 -13.20
CA THR A 386 3.35 -4.68 -12.49
C THR A 386 3.28 -5.86 -13.46
N VAL A 387 3.87 -6.99 -13.07
CA VAL A 387 3.73 -8.22 -13.84
C VAL A 387 2.97 -9.27 -13.05
N LEU A 388 2.44 -10.23 -13.81
CA LEU A 388 1.74 -11.41 -13.35
C LEU A 388 2.43 -12.65 -13.92
N LEU A 389 2.75 -13.61 -13.05
CA LEU A 389 3.41 -14.86 -13.46
C LEU A 389 2.59 -16.03 -12.93
N GLU A 390 3.19 -17.23 -12.79
CA GLU A 390 2.44 -18.44 -12.51
C GLU A 390 2.93 -19.11 -11.23
N GLN A 391 1.98 -19.71 -10.51
CA GLN A 391 2.20 -20.43 -9.26
C GLN A 391 3.58 -21.09 -9.05
#